data_9HJ4
#
_entry.id   9HJ4
#
_cell.length_a   67.251
_cell.length_b   131.045
_cell.length_c   66.351
_cell.angle_alpha   90.00
_cell.angle_beta   90.00
_cell.angle_gamma   90.00
#
_symmetry.space_group_name_H-M   'P 21 21 2'
#
loop_
_entity.id
_entity.type
_entity.pdbx_description
1 polymer "5'-nucleotidase"
2 non-polymer 'ZINC ION'
3 non-polymer 'CALCIUM ION'
4 non-polymer '[(2~{R},3~{S},4~{R},5~{R})-5-(6-azanyl-8-butylsulfanyl-purin-9-yl)-3,4-bis(oxidanyl)oxolan-2-yl]methyl dihydrogen phosphate'
5 non-polymer 'PENTAETHYLENE GLYCOL'
6 non-polymer 'TRIETHYLENE GLYCOL'
7 water water
#
_entity_poly.entity_id   1
_entity_poly.type   'polypeptide(L)'
_entity_poly.pdbx_seq_one_letter_code
;WELTILHTNDVHSRLEQTSEDSSKCVDASRCMGGVARLFTKVQQIRRAEPNVLLLDAGDQYQGTIWFTVYKGAEVAHFMN
ALRYDAMALGNHEFDNGVEGLIEPLLKEAKFPILSANIKAKGPLASQISGLYLPYKVLPVGDEVVGIVGYTSKETPFLSN
PGTNLVFEDEITALQPEVDKLKTLNVNKIIALGHSGFEMDKLIAQKVRGVDVVVGGHSNTFLYTGNPPSKEVPAGKYPFI
VTSDDGRKVPVVQAYAFGKYLGYLKIEFDERGNVISSHGNPILLDSSIPEDPSIKADINKWRIKLDDYSTQELGKTIVYL
DGSSQSCRFRECNMGNLICDAMINNNLRHTDEMFWNHVSMCILNGGGIRSPIDERNDGTITWENLAAVLPFGGTFDLVQL
KGSTLKKAFEHSVHRYGQSTGEFLQVGGIHVVYDLSRKPGDRVVKLDVLCTSCRVPSYDPLKMDEVYKVILPNFLANGGD
GFQMIKDELLRHDSGDQDINVVSTYISKMKVIYPAVEGRIKFSGGGGAGGGGGTDDDDKWSHPQFEK
;
_entity_poly.pdbx_strand_id   A
#
loop_
_chem_comp.id
_chem_comp.type
_chem_comp.name
_chem_comp.formula
1PE non-polymer 'PENTAETHYLENE GLYCOL' 'C10 H22 O6'
A1IVB non-polymer '[(2~{R},3~{S},4~{R},5~{R})-5-(6-azanyl-8-butylsulfanyl-purin-9-yl)-3,4-bis(oxidanyl)oxolan-2-yl]methyl dihydrogen phosphate' 'C14 H22 N5 O7 P S'
CA non-polymer 'CALCIUM ION' 'Ca 2'
PGE non-polymer 'TRIETHYLENE GLYCOL' 'C6 H14 O4'
ZN non-polymer 'ZINC ION' 'Zn 2'
#
# COMPACT_ATOMS: atom_id res chain seq x y z
N TRP A 1 -0.28 8.81 -34.42
CA TRP A 1 -0.98 7.67 -33.85
C TRP A 1 -1.25 7.96 -32.38
N GLU A 2 -2.50 7.86 -31.96
CA GLU A 2 -2.90 8.25 -30.61
C GLU A 2 -3.21 7.03 -29.76
N LEU A 3 -2.63 6.99 -28.56
CA LEU A 3 -2.85 5.92 -27.60
C LEU A 3 -3.51 6.53 -26.37
N THR A 4 -4.55 5.87 -25.86
CA THR A 4 -5.14 6.22 -24.58
C THR A 4 -4.73 5.20 -23.55
N ILE A 5 -4.04 5.62 -22.51
CA ILE A 5 -3.68 4.77 -21.40
C ILE A 5 -4.63 5.05 -20.25
N LEU A 6 -5.35 4.03 -19.84
CA LEU A 6 -6.18 4.03 -18.63
C LEU A 6 -5.37 3.26 -17.58
N HIS A 7 -5.27 3.80 -16.36
CA HIS A 7 -4.41 3.12 -15.39
C HIS A 7 -4.90 3.28 -13.98
N THR A 8 -4.69 2.21 -13.22
CA THR A 8 -4.93 2.16 -11.78
C THR A 8 -3.66 1.73 -11.07
N ASN A 9 -3.59 2.05 -9.79
CA ASN A 9 -2.49 1.61 -8.95
C ASN A 9 -2.93 1.62 -7.50
N ASP A 10 -2.38 0.72 -6.70
CA ASP A 10 -2.62 0.72 -5.27
C ASP A 10 -4.12 0.68 -4.96
N VAL A 11 -4.84 -0.13 -5.73
CA VAL A 11 -6.28 -0.30 -5.50
C VAL A 11 -6.53 -0.90 -4.11
N HIS A 12 -5.65 -1.80 -3.67
CA HIS A 12 -5.67 -2.28 -2.28
C HIS A 12 -7.05 -2.79 -1.88
N SER A 13 -7.60 -3.67 -2.70
N SER A 13 -7.57 -3.71 -2.69
CA SER A 13 -8.71 -4.51 -2.30
CA SER A 13 -8.74 -4.51 -2.32
C SER A 13 -10.02 -3.73 -2.18
C SER A 13 -9.96 -3.65 -2.05
N ARG A 14 -10.08 -2.53 -2.75
CA ARG A 14 -11.29 -1.70 -2.71
C ARG A 14 -12.23 -2.13 -3.84
N LEU A 15 -12.70 -3.38 -3.74
CA LEU A 15 -13.61 -3.93 -4.74
C LEU A 15 -14.96 -3.23 -4.70
N GLU A 16 -15.45 -2.92 -3.51
CA GLU A 16 -16.70 -2.21 -3.31
C GLU A 16 -16.42 -0.71 -3.29
N GLN A 17 -17.43 0.07 -3.66
CA GLN A 17 -17.31 1.51 -3.52
C GLN A 17 -17.05 1.87 -2.06
N THR A 18 -16.38 3.00 -1.86
CA THR A 18 -15.87 3.45 -0.58
C THR A 18 -16.42 4.82 -0.25
N SER A 19 -16.18 5.28 0.96
CA SER A 19 -16.40 6.68 1.27
C SER A 19 -15.34 7.55 0.58
N GLU A 20 -15.53 8.86 0.67
CA GLU A 20 -14.62 9.81 0.05
C GLU A 20 -13.18 9.60 0.51
N ASP A 21 -12.99 9.17 1.75
CA ASP A 21 -11.65 8.98 2.29
C ASP A 21 -11.19 7.53 2.20
N SER A 22 -11.90 6.70 1.43
CA SER A 22 -11.53 5.33 1.08
C SER A 22 -11.78 4.36 2.21
N SER A 23 -12.53 4.76 3.23
CA SER A 23 -12.97 3.81 4.24
C SER A 23 -14.32 3.24 3.82
N LYS A 24 -15.02 2.57 4.72
CA LYS A 24 -16.24 1.89 4.33
C LYS A 24 -17.29 2.89 3.84
N CYS A 25 -18.02 2.50 2.79
CA CYS A 25 -19.10 3.33 2.28
C CYS A 25 -20.26 3.35 3.27
N VAL A 26 -20.76 4.56 3.56
CA VAL A 26 -21.88 4.77 4.47
C VAL A 26 -23.03 5.49 3.78
N ASP A 27 -22.74 6.60 3.10
CA ASP A 27 -23.74 7.38 2.37
C ASP A 27 -23.54 7.09 0.89
N ALA A 28 -24.35 6.18 0.35
CA ALA A 28 -24.14 5.70 -1.01
C ALA A 28 -24.09 6.84 -2.03
N SER A 29 -24.94 7.85 -1.85
CA SER A 29 -25.00 8.97 -2.79
C SER A 29 -23.69 9.75 -2.84
N ARG A 30 -22.78 9.54 -1.90
CA ARG A 30 -21.49 10.21 -1.88
C ARG A 30 -20.32 9.24 -1.97
N CYS A 31 -20.56 7.98 -2.29
CA CYS A 31 -19.48 7.00 -2.34
C CYS A 31 -18.80 7.00 -3.69
N MET A 32 -17.65 6.36 -3.74
CA MET A 32 -16.75 6.50 -4.86
C MET A 32 -16.03 5.20 -5.14
N GLY A 33 -15.51 5.11 -6.35
CA GLY A 33 -14.71 3.97 -6.70
C GLY A 33 -15.50 2.68 -6.76
N GLY A 34 -14.78 1.60 -6.51
CA GLY A 34 -15.27 0.24 -6.65
C GLY A 34 -15.16 -0.21 -8.10
N VAL A 35 -15.11 -1.55 -8.27
CA VAL A 35 -14.91 -2.09 -9.61
C VAL A 35 -16.14 -1.97 -10.50
N ALA A 36 -17.36 -1.96 -9.93
CA ALA A 36 -18.54 -1.84 -10.78
C ALA A 36 -18.58 -0.47 -11.46
N ARG A 37 -18.23 0.58 -10.73
CA ARG A 37 -18.19 1.93 -11.30
C ARG A 37 -17.01 2.07 -12.27
N LEU A 38 -15.86 1.50 -11.92
CA LEU A 38 -14.72 1.48 -12.84
C LEU A 38 -15.13 0.85 -14.16
N PHE A 39 -15.83 -0.28 -14.10
CA PHE A 39 -16.25 -0.96 -15.32
C PHE A 39 -17.06 -0.02 -16.22
N THR A 40 -18.03 0.68 -15.64
CA THR A 40 -18.83 1.61 -16.44
C THR A 40 -17.95 2.59 -17.20
N LYS A 41 -17.00 3.20 -16.50
CA LYS A 41 -16.19 4.24 -17.13
C LYS A 41 -15.24 3.65 -18.17
N VAL A 42 -14.60 2.54 -17.85
CA VAL A 42 -13.70 1.90 -18.82
C VAL A 42 -14.47 1.51 -20.07
N GLN A 43 -15.65 0.91 -19.90
CA GLN A 43 -16.44 0.49 -21.05
C GLN A 43 -16.81 1.70 -21.91
N GLN A 44 -17.22 2.79 -21.26
N GLN A 44 -17.16 2.81 -21.26
CA GLN A 44 -17.56 4.01 -22.00
CA GLN A 44 -17.56 4.01 -21.98
C GLN A 44 -16.38 4.47 -22.85
C GLN A 44 -16.41 4.59 -22.80
N ILE A 45 -15.20 4.58 -22.23
CA ILE A 45 -14.04 5.08 -22.95
C ILE A 45 -13.69 4.17 -24.11
N ARG A 46 -13.78 2.85 -23.90
CA ARG A 46 -13.48 1.90 -24.97
C ARG A 46 -14.50 1.95 -26.10
N ARG A 47 -15.72 2.46 -25.87
N ARG A 47 -15.71 2.47 -25.86
CA ARG A 47 -16.64 2.64 -26.98
CA ARG A 47 -16.67 2.64 -26.95
C ARG A 47 -16.19 3.76 -27.89
C ARG A 47 -16.26 3.79 -27.86
N ALA A 48 -15.54 4.78 -27.32
CA ALA A 48 -15.25 6.01 -28.03
C ALA A 48 -13.85 6.11 -28.60
N GLU A 49 -12.86 5.45 -28.00
N GLU A 49 -12.88 5.38 -28.07
CA GLU A 49 -11.45 5.61 -28.39
CA GLU A 49 -11.50 5.59 -28.44
C GLU A 49 -10.94 4.31 -28.98
C GLU A 49 -10.87 4.30 -28.96
N PRO A 50 -10.28 4.33 -30.16
CA PRO A 50 -9.88 3.08 -30.81
C PRO A 50 -8.69 2.37 -30.19
N ASN A 51 -7.75 3.09 -29.60
CA ASN A 51 -6.47 2.54 -29.18
C ASN A 51 -6.35 2.75 -27.68
N VAL A 52 -6.75 1.75 -26.90
CA VAL A 52 -6.84 1.87 -25.45
C VAL A 52 -6.09 0.73 -24.79
N LEU A 53 -5.27 1.05 -23.80
CA LEU A 53 -4.68 0.06 -22.92
C LEU A 53 -5.14 0.36 -21.51
N LEU A 54 -5.59 -0.67 -20.80
CA LEU A 54 -5.95 -0.58 -19.38
C LEU A 54 -4.87 -1.31 -18.59
N LEU A 55 -4.15 -0.57 -17.76
CA LEU A 55 -2.96 -1.04 -17.06
C LEU A 55 -3.13 -0.88 -15.56
N ASP A 56 -2.55 -1.79 -14.79
CA ASP A 56 -2.49 -1.66 -13.35
C ASP A 56 -1.03 -1.70 -12.92
N ALA A 57 -0.64 -0.76 -12.06
CA ALA A 57 0.75 -0.64 -11.62
C ALA A 57 1.02 -1.31 -10.27
N GLY A 58 0.18 -2.28 -9.88
CA GLY A 58 0.47 -3.12 -8.74
C GLY A 58 -0.28 -2.73 -7.49
N ASP A 59 -0.19 -3.62 -6.49
CA ASP A 59 -0.82 -3.46 -5.20
C ASP A 59 -2.35 -3.49 -5.28
N GLN A 60 -2.87 -4.45 -6.05
CA GLN A 60 -4.25 -4.89 -5.91
C GLN A 60 -4.44 -5.68 -4.61
N TYR A 61 -3.47 -6.51 -4.26
CA TYR A 61 -3.51 -7.25 -3.02
C TYR A 61 -3.51 -6.31 -1.82
N GLN A 62 -4.18 -6.75 -0.74
CA GLN A 62 -4.13 -6.21 0.62
C GLN A 62 -4.98 -4.97 0.78
N GLY A 63 -5.91 -5.00 1.72
CA GLY A 63 -6.56 -3.77 2.13
C GLY A 63 -7.94 -3.87 2.74
N THR A 64 -8.66 -4.95 2.43
CA THR A 64 -9.98 -5.16 3.01
C THR A 64 -10.19 -6.65 3.21
N ILE A 65 -11.34 -6.96 3.84
CA ILE A 65 -11.75 -8.34 4.06
C ILE A 65 -11.84 -9.15 2.77
N TRP A 66 -12.05 -8.49 1.63
CA TRP A 66 -12.02 -9.20 0.35
C TRP A 66 -10.74 -9.99 0.19
N PHE A 67 -9.60 -9.35 0.48
CA PHE A 67 -8.32 -10.02 0.35
C PHE A 67 -8.12 -11.07 1.44
N THR A 68 -8.57 -10.77 2.65
CA THR A 68 -8.47 -11.75 3.73
C THR A 68 -9.13 -13.07 3.35
N VAL A 69 -10.31 -13.00 2.74
CA VAL A 69 -11.08 -14.20 2.47
C VAL A 69 -10.71 -14.82 1.14
N TYR A 70 -10.61 -14.03 0.08
CA TYR A 70 -10.42 -14.58 -1.25
C TYR A 70 -8.96 -14.66 -1.69
N LYS A 71 -8.06 -13.94 -1.02
CA LYS A 71 -6.63 -14.18 -1.11
C LYS A 71 -6.07 -13.97 -2.52
N GLY A 72 -6.69 -13.10 -3.29
CA GLY A 72 -6.26 -12.81 -4.64
C GLY A 72 -7.17 -13.37 -5.72
N ALA A 73 -8.02 -14.35 -5.39
CA ALA A 73 -8.95 -14.86 -6.39
C ALA A 73 -9.90 -13.78 -6.86
N GLU A 74 -10.25 -12.86 -5.97
CA GLU A 74 -11.11 -11.74 -6.32
C GLU A 74 -10.39 -10.78 -7.25
N VAL A 75 -9.07 -10.65 -7.10
CA VAL A 75 -8.30 -9.80 -7.99
C VAL A 75 -8.31 -10.37 -9.40
N ALA A 76 -7.97 -11.65 -9.53
CA ALA A 76 -8.00 -12.25 -10.85
C ALA A 76 -9.39 -12.15 -11.46
N HIS A 77 -10.43 -12.47 -10.68
CA HIS A 77 -11.76 -12.51 -11.24
C HIS A 77 -12.20 -11.14 -11.74
N PHE A 78 -12.07 -10.11 -10.90
CA PHE A 78 -12.59 -8.80 -11.28
C PHE A 78 -11.67 -8.07 -12.25
N MET A 79 -10.36 -8.28 -12.18
CA MET A 79 -9.50 -7.69 -13.21
C MET A 79 -9.77 -8.35 -14.57
N ASN A 80 -10.05 -9.67 -14.56
CA ASN A 80 -10.40 -10.33 -15.80
C ASN A 80 -11.71 -9.76 -16.35
N ALA A 81 -12.69 -9.50 -15.47
CA ALA A 81 -13.97 -8.95 -15.91
C ALA A 81 -13.81 -7.57 -16.53
N LEU A 82 -12.86 -6.77 -16.04
N LEU A 82 -12.86 -6.78 -16.05
CA LEU A 82 -12.55 -5.46 -16.58
CA LEU A 82 -12.59 -5.46 -16.61
C LEU A 82 -11.73 -5.54 -17.86
C LEU A 82 -11.61 -5.51 -17.77
N ARG A 83 -11.15 -6.71 -18.15
CA ARG A 83 -10.25 -6.90 -19.28
C ARG A 83 -9.02 -6.00 -19.17
N TYR A 84 -8.37 -5.99 -18.00
CA TYR A 84 -7.06 -5.37 -17.93
C TYR A 84 -6.18 -5.94 -19.04
N ASP A 85 -5.31 -5.09 -19.58
CA ASP A 85 -4.36 -5.49 -20.60
C ASP A 85 -3.01 -5.90 -20.06
N ALA A 86 -2.59 -5.38 -18.91
CA ALA A 86 -1.34 -5.77 -18.28
C ALA A 86 -1.32 -5.24 -16.85
N MET A 87 -0.52 -5.87 -16.00
CA MET A 87 -0.32 -5.46 -14.61
C MET A 87 1.14 -5.64 -14.26
N ALA A 88 1.70 -4.70 -13.49
CA ALA A 88 2.99 -4.90 -12.87
C ALA A 88 2.82 -5.41 -11.46
N LEU A 89 3.75 -6.25 -11.03
CA LEU A 89 3.76 -6.70 -9.65
C LEU A 89 4.13 -5.58 -8.69
N GLY A 90 3.32 -5.44 -7.64
CA GLY A 90 3.62 -4.56 -6.53
C GLY A 90 4.18 -5.34 -5.35
N ASN A 91 4.61 -4.59 -4.33
CA ASN A 91 5.13 -5.26 -3.13
C ASN A 91 4.07 -6.10 -2.45
N HIS A 92 2.83 -5.61 -2.37
CA HIS A 92 1.83 -6.35 -1.63
C HIS A 92 1.37 -7.61 -2.34
N GLU A 93 1.69 -7.77 -3.63
CA GLU A 93 1.42 -9.05 -4.28
C GLU A 93 2.22 -10.21 -3.65
N PHE A 94 3.21 -9.92 -2.81
CA PHE A 94 3.98 -10.95 -2.11
C PHE A 94 3.55 -11.15 -0.67
N ASP A 95 2.42 -10.59 -0.26
CA ASP A 95 2.06 -10.64 1.15
C ASP A 95 1.79 -12.05 1.64
N ASN A 96 1.28 -12.92 0.77
CA ASN A 96 1.04 -14.32 1.10
C ASN A 96 2.11 -15.23 0.52
N GLY A 97 3.31 -14.69 0.35
CA GLY A 97 4.41 -15.46 -0.18
C GLY A 97 4.31 -15.64 -1.68
N VAL A 98 5.35 -16.25 -2.25
N VAL A 98 5.38 -16.23 -2.24
CA VAL A 98 5.32 -16.45 -3.70
CA VAL A 98 5.38 -16.52 -3.66
C VAL A 98 4.22 -17.44 -4.08
C VAL A 98 4.19 -17.40 -4.03
N GLU A 99 3.93 -18.43 -3.22
CA GLU A 99 2.85 -19.36 -3.58
C GLU A 99 1.49 -18.68 -3.59
N GLY A 100 1.30 -17.67 -2.73
CA GLY A 100 0.07 -16.90 -2.69
C GLY A 100 -0.08 -15.91 -3.80
N LEU A 101 0.97 -15.76 -4.61
CA LEU A 101 0.94 -15.01 -5.86
C LEU A 101 0.72 -15.93 -7.04
N ILE A 102 1.48 -17.02 -7.11
CA ILE A 102 1.35 -17.96 -8.23
C ILE A 102 -0.07 -18.48 -8.33
N GLU A 103 -0.60 -18.95 -7.21
N GLU A 103 -0.62 -18.99 -7.23
CA GLU A 103 -1.99 -19.31 -7.04
CA GLU A 103 -1.82 -19.79 -7.41
C GLU A 103 -2.57 -18.35 -6.01
C GLU A 103 -3.08 -18.95 -7.66
N PRO A 104 -3.61 -17.58 -6.34
N PRO A 104 -3.33 -17.92 -6.86
CA PRO A 104 -4.44 -17.65 -7.54
CA PRO A 104 -4.57 -17.17 -7.05
C PRO A 104 -4.05 -16.76 -8.71
C PRO A 104 -4.51 -16.21 -8.21
N LEU A 105 -3.32 -15.68 -8.49
CA LEU A 105 -3.24 -14.59 -9.45
C LEU A 105 -2.51 -14.98 -10.74
N LEU A 106 -1.24 -15.42 -10.65
CA LEU A 106 -0.50 -15.62 -11.90
C LEU A 106 -1.16 -16.68 -12.75
N LYS A 107 -1.72 -17.71 -12.13
CA LYS A 107 -2.30 -18.81 -12.90
C LYS A 107 -3.71 -18.50 -13.38
N GLU A 108 -4.37 -17.49 -12.85
N GLU A 108 -4.36 -17.49 -12.82
CA GLU A 108 -5.75 -17.22 -13.23
CA GLU A 108 -5.76 -17.19 -13.14
C GLU A 108 -5.95 -15.93 -14.01
C GLU A 108 -5.95 -15.93 -13.97
N ALA A 109 -4.97 -15.03 -14.02
CA ALA A 109 -5.13 -13.79 -14.77
C ALA A 109 -5.12 -14.06 -16.27
N LYS A 110 -6.00 -13.38 -16.99
CA LYS A 110 -6.06 -13.41 -18.45
C LYS A 110 -5.39 -12.18 -19.06
N PHE A 111 -4.29 -11.78 -18.46
CA PHE A 111 -3.46 -10.68 -18.94
C PHE A 111 -2.07 -10.92 -18.41
N PRO A 112 -1.05 -10.38 -19.08
CA PRO A 112 0.32 -10.54 -18.63
C PRO A 112 0.57 -9.77 -17.37
N ILE A 113 1.36 -10.39 -16.49
CA ILE A 113 1.80 -9.80 -15.23
C ILE A 113 3.32 -9.68 -15.28
N LEU A 114 3.81 -8.47 -15.00
CA LEU A 114 5.14 -8.06 -15.43
C LEU A 114 6.03 -7.61 -14.28
N SER A 115 7.30 -7.99 -14.37
CA SER A 115 8.35 -7.38 -13.59
C SER A 115 9.69 -7.82 -14.15
N ALA A 116 10.50 -6.86 -14.62
CA ALA A 116 11.80 -7.16 -15.21
C ALA A 116 12.91 -7.28 -14.19
N ASN A 117 12.70 -6.83 -12.96
CA ASN A 117 13.79 -6.79 -11.98
C ASN A 117 13.66 -7.83 -10.88
N ILE A 118 12.75 -8.80 -11.02
CA ILE A 118 12.62 -9.89 -10.07
C ILE A 118 13.18 -11.13 -10.74
N LYS A 119 14.21 -11.70 -10.12
CA LYS A 119 14.87 -12.89 -10.65
C LYS A 119 14.75 -14.02 -9.64
N ALA A 120 14.36 -15.19 -10.11
CA ALA A 120 14.17 -16.34 -9.24
C ALA A 120 15.39 -17.27 -9.29
N LYS A 121 15.58 -18.01 -8.22
CA LYS A 121 16.64 -19.00 -8.18
C LYS A 121 16.14 -20.27 -7.52
N GLY A 122 16.95 -21.32 -7.61
CA GLY A 122 16.57 -22.60 -7.08
C GLY A 122 15.42 -23.23 -7.85
N PRO A 123 14.79 -24.24 -7.25
CA PRO A 123 13.63 -24.86 -7.90
C PRO A 123 12.52 -23.88 -8.24
N LEU A 124 12.37 -22.81 -7.45
CA LEU A 124 11.35 -21.83 -7.76
C LEU A 124 11.51 -21.29 -9.17
N ALA A 125 12.76 -21.14 -9.62
CA ALA A 125 12.96 -20.55 -10.94
C ALA A 125 12.27 -21.35 -12.02
N SER A 126 12.29 -22.68 -11.90
CA SER A 126 11.60 -23.52 -12.87
C SER A 126 10.09 -23.49 -12.65
N GLN A 127 9.66 -23.47 -11.38
N GLN A 127 9.67 -23.45 -11.38
CA GLN A 127 8.23 -23.47 -11.10
CA GLN A 127 8.25 -23.47 -11.05
C GLN A 127 7.55 -22.23 -11.65
C GLN A 127 7.53 -22.22 -11.54
N ILE A 128 8.22 -21.08 -11.57
CA ILE A 128 7.57 -19.80 -11.87
C ILE A 128 7.85 -19.32 -13.28
N SER A 129 8.72 -19.99 -14.03
CA SER A 129 9.20 -19.49 -15.31
C SER A 129 8.05 -19.23 -16.26
N GLY A 130 7.96 -17.98 -16.72
CA GLY A 130 6.94 -17.58 -17.65
C GLY A 130 5.62 -17.19 -17.04
N LEU A 131 5.42 -17.41 -15.74
CA LEU A 131 4.17 -17.02 -15.09
C LEU A 131 4.10 -15.52 -14.81
N TYR A 132 5.23 -14.85 -14.69
CA TYR A 132 5.34 -13.41 -14.83
C TYR A 132 6.44 -13.21 -15.86
N LEU A 133 6.47 -12.05 -16.49
CA LEU A 133 7.37 -11.79 -17.60
C LEU A 133 8.07 -10.46 -17.38
N PRO A 134 9.25 -10.26 -17.97
CA PRO A 134 9.89 -8.93 -17.88
C PRO A 134 9.12 -7.87 -18.66
N TYR A 135 8.51 -8.25 -19.76
CA TYR A 135 7.78 -7.32 -20.62
C TYR A 135 6.80 -8.14 -21.45
N LYS A 136 5.90 -7.43 -22.12
N LYS A 136 5.86 -7.44 -22.07
CA LYS A 136 5.01 -8.04 -23.09
CA LYS A 136 5.01 -8.03 -23.09
C LYS A 136 4.73 -7.05 -24.21
C LYS A 136 4.87 -7.02 -24.23
N VAL A 137 4.84 -7.51 -25.46
CA VAL A 137 4.53 -6.71 -26.63
C VAL A 137 3.06 -6.96 -26.95
N LEU A 138 2.26 -5.91 -26.96
N LEU A 138 2.26 -5.92 -26.94
CA LEU A 138 0.82 -5.98 -27.12
CA LEU A 138 0.82 -6.00 -27.13
C LEU A 138 0.39 -5.34 -28.43
C LEU A 138 0.40 -5.35 -28.44
N PRO A 139 -0.50 -5.98 -29.18
CA PRO A 139 -1.09 -5.33 -30.36
C PRO A 139 -2.14 -4.34 -29.90
N VAL A 140 -2.10 -3.13 -30.47
CA VAL A 140 -3.07 -2.08 -30.20
C VAL A 140 -3.44 -1.52 -31.56
N GLY A 141 -4.68 -1.70 -31.96
CA GLY A 141 -5.06 -1.30 -33.30
C GLY A 141 -4.16 -1.99 -34.30
N ASP A 142 -3.59 -1.21 -35.23
CA ASP A 142 -2.69 -1.74 -36.24
C ASP A 142 -1.22 -1.63 -35.85
N GLU A 143 -0.92 -1.32 -34.59
CA GLU A 143 0.44 -1.10 -34.13
CA GLU A 143 0.44 -1.11 -34.14
C GLU A 143 0.73 -2.05 -32.96
N VAL A 144 1.94 -1.93 -32.41
CA VAL A 144 2.30 -2.69 -31.22
C VAL A 144 2.93 -1.73 -30.20
N VAL A 145 2.77 -2.08 -28.94
CA VAL A 145 3.32 -1.32 -27.83
C VAL A 145 4.00 -2.31 -26.90
N GLY A 146 5.23 -2.01 -26.51
CA GLY A 146 5.92 -2.82 -25.52
C GLY A 146 5.69 -2.26 -24.12
N ILE A 147 5.46 -3.15 -23.16
N ILE A 147 5.34 -3.16 -23.21
CA ILE A 147 5.27 -2.74 -21.77
CA ILE A 147 5.12 -2.84 -21.81
C ILE A 147 6.26 -3.51 -20.92
C ILE A 147 6.21 -3.57 -21.05
N VAL A 148 7.14 -2.79 -20.22
N VAL A 148 6.99 -2.84 -20.26
CA VAL A 148 8.20 -3.38 -19.40
CA VAL A 148 8.04 -3.41 -19.43
C VAL A 148 7.88 -3.09 -17.95
C VAL A 148 7.65 -3.14 -17.98
N GLY A 149 7.88 -4.13 -17.11
CA GLY A 149 7.48 -4.00 -15.73
C GLY A 149 8.63 -3.84 -14.75
N TYR A 150 8.32 -3.33 -13.56
CA TYR A 150 9.31 -3.25 -12.49
C TYR A 150 8.60 -3.21 -11.14
N THR A 151 9.33 -3.60 -10.09
CA THR A 151 8.79 -3.74 -8.74
C THR A 151 9.81 -3.22 -7.73
N SER A 152 9.34 -2.54 -6.70
CA SER A 152 10.23 -1.95 -5.70
C SER A 152 11.32 -2.92 -5.26
N LYS A 153 12.56 -2.44 -5.31
CA LYS A 153 13.69 -3.20 -4.78
CA LYS A 153 13.68 -3.21 -4.78
C LYS A 153 13.57 -3.41 -3.28
N GLU A 154 12.73 -2.62 -2.60
CA GLU A 154 12.56 -2.75 -1.16
C GLU A 154 11.53 -3.81 -0.78
N THR A 155 10.95 -4.52 -1.75
CA THR A 155 9.90 -5.50 -1.47
C THR A 155 10.28 -6.50 -0.39
N PRO A 156 11.50 -7.02 -0.29
CA PRO A 156 11.82 -7.94 0.81
C PRO A 156 11.60 -7.37 2.20
N PHE A 157 11.65 -6.05 2.36
CA PHE A 157 11.45 -5.39 3.64
C PHE A 157 10.02 -4.96 3.88
N LEU A 158 9.18 -5.09 2.86
CA LEU A 158 7.82 -4.61 2.91
C LEU A 158 6.81 -5.74 2.84
N SER A 159 7.23 -6.93 2.41
CA SER A 159 6.30 -8.01 2.14
C SER A 159 7.05 -9.31 2.41
N ASN A 160 6.50 -10.41 1.91
CA ASN A 160 6.98 -11.75 2.24
C ASN A 160 7.36 -12.55 0.99
N PRO A 161 8.26 -12.04 0.15
CA PRO A 161 8.59 -12.76 -1.08
C PRO A 161 9.45 -13.99 -0.92
N GLY A 162 10.02 -14.24 0.24
CA GLY A 162 10.87 -15.39 0.41
C GLY A 162 12.31 -15.14 -0.03
N THR A 163 13.14 -16.15 0.12
CA THR A 163 14.56 -15.99 -0.13
C THR A 163 15.00 -16.48 -1.49
N ASN A 164 14.07 -16.95 -2.34
CA ASN A 164 14.41 -17.44 -3.66
C ASN A 164 14.06 -16.46 -4.77
N LEU A 165 13.71 -15.24 -4.41
CA LEU A 165 13.55 -14.15 -5.35
C LEU A 165 14.56 -13.07 -5.01
N VAL A 166 15.17 -12.51 -6.04
CA VAL A 166 16.11 -11.41 -5.94
C VAL A 166 15.48 -10.20 -6.61
N PHE A 167 15.44 -9.08 -5.91
CA PHE A 167 14.90 -7.82 -6.44
C PHE A 167 16.09 -6.95 -6.82
N GLU A 168 16.32 -6.81 -8.12
CA GLU A 168 17.43 -6.06 -8.65
C GLU A 168 17.08 -4.58 -8.71
N ASP A 169 18.11 -3.75 -8.80
CA ASP A 169 17.90 -2.34 -9.06
C ASP A 169 17.07 -2.16 -10.33
N GLU A 170 16.08 -1.28 -10.25
CA GLU A 170 15.11 -1.16 -11.34
C GLU A 170 15.76 -0.68 -12.62
N ILE A 171 16.55 0.39 -12.55
CA ILE A 171 17.13 0.95 -13.77
C ILE A 171 18.08 -0.04 -14.41
N THR A 172 18.89 -0.73 -13.59
CA THR A 172 19.82 -1.72 -14.09
C THR A 172 19.11 -2.83 -14.84
N ALA A 173 17.99 -3.29 -14.31
CA ALA A 173 17.27 -4.39 -14.95
C ALA A 173 16.46 -3.92 -16.15
N LEU A 174 15.95 -2.69 -16.11
CA LEU A 174 15.07 -2.24 -17.17
C LEU A 174 15.82 -1.95 -18.46
N GLN A 175 17.01 -1.35 -18.38
CA GLN A 175 17.65 -0.89 -19.60
C GLN A 175 17.88 -2.02 -20.61
N PRO A 176 18.43 -3.18 -20.24
CA PRO A 176 18.63 -4.23 -21.26
C PRO A 176 17.33 -4.71 -21.88
N GLU A 177 16.23 -4.70 -21.14
CA GLU A 177 14.96 -5.16 -21.71
C GLU A 177 14.44 -4.14 -22.71
N VAL A 178 14.55 -2.85 -22.40
CA VAL A 178 14.14 -1.82 -23.35
C VAL A 178 15.03 -1.88 -24.58
N ASP A 179 16.34 -2.07 -24.39
CA ASP A 179 17.25 -2.22 -25.52
C ASP A 179 16.85 -3.41 -26.39
N LYS A 180 16.48 -4.52 -25.76
CA LYS A 180 16.06 -5.69 -26.52
C LYS A 180 14.82 -5.38 -27.36
N LEU A 181 13.85 -4.69 -26.76
CA LEU A 181 12.65 -4.34 -27.52
C LEU A 181 12.98 -3.49 -28.73
N LYS A 182 13.93 -2.55 -28.60
CA LYS A 182 14.35 -1.75 -29.74
C LYS A 182 14.87 -2.63 -30.88
N THR A 183 15.63 -3.68 -30.55
CA THR A 183 16.16 -4.55 -31.59
C THR A 183 15.08 -5.39 -32.28
N LEU A 184 13.93 -5.54 -31.63
CA LEU A 184 12.79 -6.23 -32.21
C LEU A 184 11.83 -5.26 -32.89
N ASN A 185 12.25 -4.02 -33.11
CA ASN A 185 11.45 -3.04 -33.85
C ASN A 185 10.20 -2.61 -33.09
N VAL A 186 10.26 -2.62 -31.77
CA VAL A 186 9.18 -2.12 -30.94
C VAL A 186 9.62 -0.72 -30.50
N ASN A 187 8.99 0.30 -31.09
CA ASN A 187 9.42 1.68 -30.92
C ASN A 187 8.54 2.50 -29.98
N LYS A 188 7.52 1.91 -29.36
CA LYS A 188 6.67 2.57 -28.39
C LYS A 188 6.71 1.74 -27.13
N ILE A 189 7.24 2.31 -26.05
CA ILE A 189 7.58 1.56 -24.85
C ILE A 189 7.02 2.27 -23.63
N ILE A 190 6.22 1.55 -22.86
CA ILE A 190 5.70 2.00 -21.58
C ILE A 190 6.42 1.25 -20.48
N ALA A 191 6.94 1.97 -19.50
CA ALA A 191 7.44 1.34 -18.29
C ALA A 191 6.30 1.40 -17.27
N LEU A 192 5.86 0.25 -16.80
CA LEU A 192 4.73 0.10 -15.88
C LEU A 192 5.27 -0.56 -14.63
N GLY A 193 5.19 0.10 -13.48
CA GLY A 193 5.81 -0.53 -12.31
C GLY A 193 5.52 0.15 -11.01
N HIS A 194 6.14 -0.41 -9.97
CA HIS A 194 5.69 -0.24 -8.61
C HIS A 194 6.85 0.05 -7.64
N SER A 195 7.41 1.25 -7.75
CA SER A 195 8.53 1.66 -6.94
C SER A 195 8.38 3.03 -6.30
N GLY A 196 7.35 3.78 -6.64
CA GLY A 196 7.15 5.10 -6.10
C GLY A 196 7.52 6.18 -7.08
N PHE A 197 6.89 7.35 -6.92
CA PHE A 197 7.04 8.48 -7.82
C PHE A 197 8.49 8.92 -7.97
N GLU A 198 9.26 8.91 -6.89
CA GLU A 198 10.66 9.35 -7.03
C GLU A 198 11.43 8.41 -7.96
N MET A 199 11.29 7.10 -7.77
CA MET A 199 11.95 6.16 -8.67
C MET A 199 11.38 6.26 -10.08
N ASP A 200 10.07 6.48 -10.21
CA ASP A 200 9.49 6.63 -11.53
C ASP A 200 10.15 7.78 -12.30
N LYS A 201 10.40 8.90 -11.63
CA LYS A 201 11.07 10.03 -12.28
C LYS A 201 12.48 9.68 -12.69
N LEU A 202 13.18 8.88 -11.88
CA LEU A 202 14.53 8.47 -12.23
C LEU A 202 14.53 7.54 -13.44
N ILE A 203 13.56 6.63 -13.50
CA ILE A 203 13.42 5.75 -14.65
C ILE A 203 13.18 6.56 -15.91
N ALA A 204 12.26 7.54 -15.83
CA ALA A 204 12.00 8.39 -16.98
C ALA A 204 13.25 9.14 -17.42
N GLN A 205 14.07 9.56 -16.46
CA GLN A 205 15.25 10.34 -16.79
C GLN A 205 16.36 9.49 -17.39
N LYS A 206 16.50 8.24 -16.91
N LYS A 206 16.50 8.23 -16.93
CA LYS A 206 17.71 7.46 -17.15
CA LYS A 206 17.72 7.47 -17.16
C LYS A 206 17.54 6.30 -18.12
C LYS A 206 17.56 6.23 -18.03
N VAL A 207 16.37 5.67 -18.18
CA VAL A 207 16.20 4.48 -19.00
C VAL A 207 15.92 4.93 -20.43
N ARG A 208 16.93 4.84 -21.29
N ARG A 208 16.95 4.85 -21.27
CA ARG A 208 16.81 5.33 -22.65
CA ARG A 208 16.83 5.27 -22.66
C ARG A 208 15.84 4.47 -23.43
C ARG A 208 15.77 4.45 -23.37
N GLY A 209 14.92 5.13 -24.13
CA GLY A 209 13.91 4.46 -24.92
C GLY A 209 12.55 4.34 -24.26
N VAL A 210 12.41 4.66 -22.98
CA VAL A 210 11.10 4.65 -22.35
C VAL A 210 10.34 5.89 -22.78
N ASP A 211 9.11 5.69 -23.26
CA ASP A 211 8.30 6.82 -23.73
C ASP A 211 7.36 7.39 -22.68
N VAL A 212 6.92 6.59 -21.72
N VAL A 212 6.92 6.56 -21.74
CA VAL A 212 6.00 7.03 -20.68
CA VAL A 212 5.93 6.91 -20.72
C VAL A 212 6.14 6.04 -19.52
C VAL A 212 6.27 6.04 -19.52
N VAL A 213 6.07 6.57 -18.31
CA VAL A 213 6.17 5.80 -17.08
C VAL A 213 4.83 5.87 -16.36
N VAL A 214 4.28 4.70 -16.04
CA VAL A 214 3.02 4.53 -15.33
C VAL A 214 3.35 3.85 -14.01
N GLY A 215 3.22 4.57 -12.90
CA GLY A 215 3.72 4.11 -11.62
C GLY A 215 2.69 3.97 -10.52
N GLY A 216 3.22 3.76 -9.33
CA GLY A 216 2.42 3.42 -8.17
C GLY A 216 3.27 3.45 -6.92
N HIS A 217 2.75 2.79 -5.88
CA HIS A 217 3.40 2.53 -4.61
C HIS A 217 3.29 3.69 -3.61
N SER A 218 3.56 4.91 -4.07
CA SER A 218 3.58 6.09 -3.23
C SER A 218 2.21 6.77 -3.12
N ASN A 219 1.19 6.22 -3.76
N ASN A 219 1.18 6.22 -3.73
CA ASN A 219 -0.16 6.78 -3.68
CA ASN A 219 -0.17 6.80 -3.66
C ASN A 219 -0.19 8.23 -4.14
C ASN A 219 -0.18 8.24 -4.14
N THR A 220 0.62 8.54 -5.15
CA THR A 220 0.81 9.91 -5.58
C THR A 220 -0.37 10.39 -6.42
N PHE A 221 -0.89 11.56 -6.07
CA PHE A 221 -1.93 12.22 -6.84
C PHE A 221 -1.29 13.34 -7.65
N LEU A 222 -1.51 13.29 -8.96
CA LEU A 222 -1.07 14.30 -9.92
C LEU A 222 -2.30 14.86 -10.63
N TYR A 223 -2.32 16.15 -10.91
CA TYR A 223 -3.50 16.74 -11.52
C TYR A 223 -3.10 18.02 -12.24
N THR A 224 -3.71 18.27 -13.40
CA THR A 224 -3.58 19.54 -14.13
C THR A 224 -4.89 20.28 -14.03
N GLY A 225 -4.90 21.34 -13.24
CA GLY A 225 -6.09 22.13 -13.00
C GLY A 225 -6.53 22.10 -11.56
N ASN A 226 -7.75 22.56 -11.34
N ASN A 226 -7.78 22.45 -11.35
CA ASN A 226 -8.32 22.50 -10.00
CA ASN A 226 -8.34 22.51 -10.02
C ASN A 226 -8.62 21.06 -9.66
C ASN A 226 -8.78 21.13 -9.56
N PRO A 227 -8.24 20.58 -8.47
CA PRO A 227 -8.51 19.19 -8.13
C PRO A 227 -9.98 18.95 -7.91
N PRO A 228 -10.47 17.74 -8.24
CA PRO A 228 -11.90 17.50 -8.19
C PRO A 228 -12.39 17.03 -6.84
N SER A 229 -11.48 16.68 -5.93
CA SER A 229 -11.86 16.18 -4.60
C SER A 229 -10.86 16.72 -3.59
N LYS A 230 -10.61 15.97 -2.51
CA LYS A 230 -9.80 16.47 -1.41
CA LYS A 230 -9.80 16.47 -1.41
C LYS A 230 -8.32 16.11 -1.52
N GLU A 231 -7.94 15.25 -2.44
CA GLU A 231 -6.53 14.94 -2.62
C GLU A 231 -5.81 16.16 -3.19
N VAL A 232 -4.63 16.44 -2.65
CA VAL A 232 -3.82 17.59 -3.04
C VAL A 232 -2.74 17.14 -4.01
N PRO A 233 -2.66 17.71 -5.21
CA PRO A 233 -1.69 17.21 -6.19
C PRO A 233 -0.25 17.46 -5.77
N ALA A 234 0.60 16.47 -6.06
CA ALA A 234 2.03 16.59 -5.86
C ALA A 234 2.72 17.22 -7.06
N GLY A 235 2.00 17.41 -8.16
CA GLY A 235 2.55 17.87 -9.41
C GLY A 235 1.46 17.79 -10.46
N LYS A 236 1.79 18.28 -11.65
N LYS A 236 1.79 18.28 -11.65
CA LYS A 236 0.88 18.21 -12.77
CA LYS A 236 0.88 18.20 -12.77
C LYS A 236 0.76 16.78 -13.30
C LYS A 236 0.73 16.76 -13.26
N TYR A 237 -0.34 16.55 -14.02
CA TYR A 237 -0.58 15.29 -14.71
C TYR A 237 -0.58 15.53 -16.22
N PRO A 238 0.28 14.87 -16.98
CA PRO A 238 1.41 14.07 -16.51
C PRO A 238 2.49 14.96 -15.94
N PHE A 239 3.38 14.37 -15.16
CA PHE A 239 4.57 15.04 -14.68
C PHE A 239 5.67 14.83 -15.73
N ILE A 240 6.23 15.91 -16.25
CA ILE A 240 7.16 15.80 -17.36
C ILE A 240 8.60 15.76 -16.84
N VAL A 241 9.31 14.70 -17.17
CA VAL A 241 10.73 14.59 -16.90
C VAL A 241 11.50 14.84 -18.19
N THR A 242 12.56 15.63 -18.10
CA THR A 242 13.49 15.78 -19.21
C THR A 242 14.54 14.68 -19.08
N SER A 243 14.58 13.78 -20.05
CA SER A 243 15.47 12.65 -19.93
C SER A 243 16.90 13.06 -20.30
N ASP A 244 17.85 12.20 -19.87
N ASP A 244 17.84 12.21 -19.88
CA ASP A 244 19.24 12.37 -20.28
CA ASP A 244 19.25 12.52 -20.12
C ASP A 244 19.35 12.55 -21.79
C ASP A 244 19.60 12.54 -21.61
N ASP A 245 18.59 11.75 -22.53
N ASP A 245 18.67 12.16 -22.50
CA ASP A 245 18.54 11.70 -23.98
CA ASP A 245 18.86 12.33 -23.94
C ASP A 245 17.92 12.95 -24.60
C ASP A 245 18.04 13.48 -24.49
N GLY A 246 17.47 13.91 -23.80
N GLY A 246 17.40 14.27 -23.63
CA GLY A 246 16.88 15.11 -24.37
CA GLY A 246 16.68 15.45 -24.05
C GLY A 246 15.48 14.90 -24.89
C GLY A 246 15.20 15.26 -24.32
N ARG A 247 14.70 14.02 -24.25
CA ARG A 247 13.30 13.80 -24.56
C ARG A 247 12.45 14.22 -23.38
N LYS A 248 11.20 14.56 -23.64
CA LYS A 248 10.22 14.83 -22.61
C LYS A 248 9.45 13.55 -22.36
N VAL A 249 9.50 13.03 -21.14
CA VAL A 249 8.91 11.76 -20.79
C VAL A 249 7.83 11.99 -19.75
N PRO A 250 6.56 11.69 -20.07
CA PRO A 250 5.50 11.83 -19.08
C PRO A 250 5.52 10.70 -18.07
N VAL A 251 5.30 11.10 -16.82
CA VAL A 251 5.19 10.20 -15.68
C VAL A 251 3.80 10.39 -15.07
N VAL A 252 3.09 9.27 -14.85
CA VAL A 252 1.75 9.33 -14.31
C VAL A 252 1.61 8.35 -13.14
N GLN A 253 0.64 8.67 -12.28
CA GLN A 253 0.18 7.86 -11.15
C GLN A 253 -1.25 8.31 -10.92
N ALA A 254 -2.04 7.53 -10.17
CA ALA A 254 -3.46 7.81 -9.99
C ALA A 254 -3.89 7.51 -8.55
N TYR A 255 -3.20 8.10 -7.58
CA TYR A 255 -3.57 8.04 -6.16
C TYR A 255 -3.62 6.58 -5.69
N ALA A 256 -4.73 6.11 -5.16
CA ALA A 256 -4.85 4.77 -4.59
C ALA A 256 -6.33 4.49 -4.39
N PHE A 257 -6.62 3.25 -4.01
CA PHE A 257 -7.94 2.85 -3.47
C PHE A 257 -9.04 2.85 -4.51
N GLY A 258 -8.71 2.89 -5.79
CA GLY A 258 -9.70 2.86 -6.85
C GLY A 258 -10.58 4.08 -6.92
N LYS A 259 -10.16 5.19 -6.30
CA LYS A 259 -10.98 6.41 -6.31
C LYS A 259 -10.94 7.11 -7.66
N TYR A 260 -9.82 6.99 -8.39
CA TYR A 260 -9.63 7.63 -9.68
C TYR A 260 -9.23 6.59 -10.71
N LEU A 261 -9.59 6.85 -11.96
CA LEU A 261 -9.05 6.17 -13.12
C LEU A 261 -8.08 7.10 -13.82
N GLY A 262 -6.79 6.74 -13.88
CA GLY A 262 -5.86 7.53 -14.67
C GLY A 262 -6.23 7.47 -16.14
N TYR A 263 -6.03 8.60 -16.83
CA TYR A 263 -6.38 8.74 -18.24
C TYR A 263 -5.34 9.64 -18.90
N LEU A 264 -4.52 9.07 -19.79
CA LEU A 264 -3.48 9.81 -20.49
C LEU A 264 -3.60 9.53 -21.97
N LYS A 265 -3.70 10.58 -22.78
CA LYS A 265 -3.66 10.47 -24.22
C LYS A 265 -2.28 10.87 -24.72
N ILE A 266 -1.67 10.00 -25.53
N ILE A 266 -1.67 10.01 -25.52
CA ILE A 266 -0.33 10.18 -26.06
CA ILE A 266 -0.33 10.22 -26.06
C ILE A 266 -0.42 10.22 -27.58
C ILE A 266 -0.42 10.22 -27.58
N GLU A 267 0.18 11.24 -28.18
CA GLU A 267 0.32 11.31 -29.63
C GLU A 267 1.73 10.91 -29.99
N PHE A 268 1.86 9.85 -30.80
CA PHE A 268 3.14 9.34 -31.26
C PHE A 268 3.30 9.66 -32.74
N ASP A 269 4.55 9.90 -33.14
CA ASP A 269 4.87 9.91 -34.56
C ASP A 269 5.16 8.49 -35.04
N GLU A 270 5.43 8.37 -36.34
CA GLU A 270 5.60 7.06 -36.96
C GLU A 270 6.84 6.33 -36.46
N ARG A 271 7.80 7.05 -35.88
CA ARG A 271 9.00 6.45 -35.32
C ARG A 271 8.85 6.13 -33.83
N GLY A 272 7.67 6.33 -33.27
CA GLY A 272 7.43 6.02 -31.87
C GLY A 272 7.85 7.09 -30.89
N ASN A 273 8.14 8.30 -31.35
CA ASN A 273 8.44 9.39 -30.44
C ASN A 273 7.15 10.06 -29.98
N VAL A 274 7.12 10.42 -28.69
CA VAL A 274 5.98 11.15 -28.15
C VAL A 274 6.03 12.59 -28.64
N ILE A 275 5.00 13.00 -29.37
CA ILE A 275 4.87 14.39 -29.81
C ILE A 275 4.27 15.23 -28.70
N SER A 276 3.27 14.68 -28.01
CA SER A 276 2.59 15.40 -26.95
C SER A 276 1.80 14.38 -26.15
N SER A 277 1.39 14.79 -24.96
CA SER A 277 0.50 13.97 -24.16
C SER A 277 -0.28 14.89 -23.24
N HIS A 278 -1.48 14.46 -22.87
CA HIS A 278 -2.30 15.23 -21.95
C HIS A 278 -3.34 14.30 -21.35
N GLY A 279 -3.86 14.68 -20.19
CA GLY A 279 -4.93 13.94 -19.57
C GLY A 279 -5.15 14.38 -18.14
N ASN A 280 -5.78 13.53 -17.37
CA ASN A 280 -6.03 13.78 -15.95
C ASN A 280 -6.69 12.54 -15.40
N PRO A 281 -6.45 12.23 -14.13
CA PRO A 281 -7.25 11.18 -13.50
C PRO A 281 -8.71 11.60 -13.44
N ILE A 282 -9.59 10.61 -13.56
CA ILE A 282 -11.04 10.79 -13.57
C ILE A 282 -11.54 10.36 -12.21
N LEU A 283 -12.20 11.27 -11.48
CA LEU A 283 -12.78 10.92 -10.19
C LEU A 283 -13.97 9.99 -10.40
N LEU A 284 -13.94 8.83 -9.76
CA LEU A 284 -15.02 7.84 -9.91
C LEU A 284 -16.06 8.09 -8.83
N ASP A 285 -16.82 9.16 -9.03
CA ASP A 285 -17.83 9.54 -8.05
C ASP A 285 -19.22 9.07 -8.50
N SER A 286 -20.23 9.47 -7.72
CA SER A 286 -21.55 8.90 -7.89
CA SER A 286 -21.55 8.89 -7.90
C SER A 286 -22.23 9.34 -9.18
N SER A 287 -21.67 10.31 -9.89
CA SER A 287 -22.20 10.67 -11.21
C SER A 287 -21.99 9.56 -12.24
N ILE A 288 -21.13 8.59 -11.96
CA ILE A 288 -20.92 7.44 -12.84
C ILE A 288 -21.66 6.26 -12.21
N PRO A 289 -22.62 5.66 -12.89
CA PRO A 289 -23.34 4.54 -12.28
C PRO A 289 -22.47 3.30 -12.15
N GLU A 290 -22.73 2.54 -11.10
CA GLU A 290 -22.15 1.20 -10.97
C GLU A 290 -22.75 0.27 -12.02
N ASP A 291 -21.93 -0.46 -12.72
CA ASP A 291 -22.45 -1.39 -13.72
C ASP A 291 -23.32 -2.43 -13.03
N PRO A 292 -24.56 -2.63 -13.46
CA PRO A 292 -25.43 -3.56 -12.72
C PRO A 292 -24.90 -4.99 -12.65
N SER A 293 -24.34 -5.52 -13.74
CA SER A 293 -23.87 -6.90 -13.72
CA SER A 293 -23.88 -6.90 -13.72
C SER A 293 -22.66 -7.07 -12.81
N ILE A 294 -21.70 -6.17 -12.88
CA ILE A 294 -20.57 -6.28 -11.97
C ILE A 294 -21.05 -6.14 -10.53
N LYS A 295 -21.94 -5.18 -10.28
CA LYS A 295 -22.45 -4.98 -8.92
C LYS A 295 -23.13 -6.23 -8.39
N ALA A 296 -23.93 -6.90 -9.23
CA ALA A 296 -24.59 -8.11 -8.78
C ALA A 296 -23.58 -9.21 -8.47
N ASP A 297 -22.51 -9.30 -9.26
N ASP A 297 -22.51 -9.30 -9.26
CA ASP A 297 -21.46 -10.27 -9.02
CA ASP A 297 -21.47 -10.29 -8.97
C ASP A 297 -20.74 -9.95 -7.70
C ASP A 297 -20.74 -9.96 -7.68
N ILE A 298 -20.42 -8.68 -7.46
CA ILE A 298 -19.84 -8.25 -6.20
C ILE A 298 -20.73 -8.66 -5.04
N ASN A 299 -22.03 -8.43 -5.16
CA ASN A 299 -22.95 -8.79 -4.09
C ASN A 299 -22.98 -10.30 -3.84
N LYS A 300 -22.87 -11.10 -4.91
CA LYS A 300 -22.80 -12.55 -4.74
C LYS A 300 -21.53 -12.94 -3.98
N TRP A 301 -20.39 -12.37 -4.36
CA TRP A 301 -19.12 -12.69 -3.68
C TRP A 301 -19.11 -12.18 -2.24
N ARG A 302 -19.90 -11.15 -1.93
CA ARG A 302 -19.89 -10.62 -0.57
C ARG A 302 -20.47 -11.58 0.46
N ILE A 303 -21.28 -12.55 0.04
CA ILE A 303 -21.92 -13.44 1.01
C ILE A 303 -20.88 -14.16 1.85
N LYS A 304 -19.80 -14.65 1.23
CA LYS A 304 -18.78 -15.36 2.00
C LYS A 304 -18.03 -14.43 2.94
N LEU A 305 -17.94 -13.14 2.62
CA LEU A 305 -17.32 -12.18 3.52
C LEU A 305 -18.17 -11.98 4.77
N ASP A 306 -19.48 -11.85 4.57
CA ASP A 306 -20.39 -11.73 5.69
C ASP A 306 -20.27 -12.95 6.60
N ASP A 307 -20.24 -14.14 6.00
CA ASP A 307 -20.10 -15.36 6.80
C ASP A 307 -18.79 -15.37 7.58
N TYR A 308 -17.69 -15.01 6.92
CA TYR A 308 -16.39 -15.04 7.58
C TYR A 308 -16.37 -14.09 8.77
N SER A 309 -17.06 -12.96 8.64
CA SER A 309 -16.91 -11.89 9.61
C SER A 309 -17.43 -12.25 10.99
N THR A 310 -18.26 -13.30 11.11
CA THR A 310 -18.81 -13.71 12.40
C THR A 310 -18.15 -14.99 12.92
N GLN A 311 -17.14 -15.50 12.24
CA GLN A 311 -16.45 -16.71 12.69
C GLN A 311 -15.41 -16.39 13.76
N GLU A 312 -15.17 -17.36 14.62
CA GLU A 312 -14.17 -17.19 15.66
C GLU A 312 -12.78 -17.18 15.04
N LEU A 313 -12.01 -16.14 15.34
CA LEU A 313 -10.62 -16.05 14.92
C LEU A 313 -9.67 -16.65 15.94
N GLY A 314 -10.06 -16.58 17.21
CA GLY A 314 -9.26 -17.03 18.32
C GLY A 314 -9.97 -16.62 19.58
N LYS A 315 -9.28 -16.76 20.71
CA LYS A 315 -9.88 -16.46 21.99
C LYS A 315 -8.99 -15.54 22.80
N THR A 316 -9.60 -14.74 23.66
CA THR A 316 -8.92 -14.03 24.72
C THR A 316 -9.39 -14.56 26.07
N ILE A 317 -8.45 -14.67 27.02
CA ILE A 317 -8.78 -15.02 28.40
C ILE A 317 -8.72 -13.80 29.31
N VAL A 318 -8.40 -12.62 28.77
CA VAL A 318 -8.40 -11.36 29.49
C VAL A 318 -9.40 -10.41 28.83
N TYR A 319 -9.96 -9.52 29.63
CA TYR A 319 -10.68 -8.38 29.08
C TYR A 319 -9.70 -7.56 28.25
N LEU A 320 -10.12 -7.18 27.06
CA LEU A 320 -9.29 -6.37 26.17
C LEU A 320 -9.77 -4.93 26.33
N ASP A 321 -9.01 -4.18 27.12
CA ASP A 321 -9.41 -2.85 27.54
C ASP A 321 -9.02 -1.85 26.46
N GLY A 322 -9.97 -1.61 25.57
CA GLY A 322 -9.89 -0.56 24.57
C GLY A 322 -10.79 0.61 24.89
N SER A 323 -11.06 0.83 26.17
CA SER A 323 -11.84 1.99 26.60
C SER A 323 -11.02 3.27 26.47
N SER A 324 -11.68 4.39 26.21
CA SER A 324 -10.96 5.66 26.14
C SER A 324 -10.41 6.07 27.49
N GLN A 325 -11.12 5.75 28.58
CA GLN A 325 -10.66 6.11 29.91
C GLN A 325 -9.33 5.45 30.23
N SER A 326 -9.03 4.31 29.62
CA SER A 326 -7.72 3.68 29.75
C SER A 326 -6.80 4.17 28.64
N CYS A 327 -7.19 3.98 27.38
CA CYS A 327 -6.21 4.10 26.30
C CYS A 327 -5.81 5.53 25.98
N ARG A 328 -6.54 6.52 26.46
CA ARG A 328 -6.15 7.92 26.30
C ARG A 328 -5.45 8.48 27.52
N PHE A 329 -5.21 7.65 28.54
CA PHE A 329 -4.66 8.10 29.82
C PHE A 329 -3.47 7.29 30.32
N ARG A 330 -3.34 6.03 29.91
N ARG A 330 -3.33 6.04 29.91
CA ARG A 330 -2.28 5.19 30.43
CA ARG A 330 -2.27 5.19 30.44
C ARG A 330 -2.07 4.03 29.46
C ARG A 330 -2.12 3.99 29.52
N GLU A 331 -1.08 3.20 29.75
CA GLU A 331 -0.91 1.96 29.01
C GLU A 331 -2.19 1.13 29.12
N CYS A 332 -2.66 0.63 28.00
CA CYS A 332 -3.85 -0.22 27.98
C CYS A 332 -3.51 -1.52 27.26
N ASN A 333 -4.10 -2.63 27.73
CA ASN A 333 -3.70 -3.92 27.14
C ASN A 333 -4.19 -4.10 25.70
N MET A 334 -5.28 -3.43 25.29
CA MET A 334 -5.65 -3.47 23.89
C MET A 334 -4.58 -2.80 23.03
N GLY A 335 -4.03 -1.68 23.50
CA GLY A 335 -2.97 -1.04 22.75
C GLY A 335 -1.74 -1.92 22.65
N ASN A 336 -1.38 -2.60 23.74
CA ASN A 336 -0.23 -3.50 23.70
C ASN A 336 -0.47 -4.61 22.69
N LEU A 337 -1.67 -5.20 22.69
CA LEU A 337 -2.00 -6.25 21.75
C LEU A 337 -1.82 -5.78 20.32
N ILE A 338 -2.38 -4.61 20.00
CA ILE A 338 -2.35 -4.12 18.63
C ILE A 338 -0.91 -3.85 18.20
N CYS A 339 -0.11 -3.21 19.08
CA CYS A 339 1.29 -2.99 18.74
C CYS A 339 2.05 -4.30 18.60
N ASP A 340 1.77 -5.29 19.44
CA ASP A 340 2.44 -6.57 19.30
C ASP A 340 2.09 -7.23 17.97
N ALA A 341 0.83 -7.10 17.54
CA ALA A 341 0.42 -7.60 16.23
C ALA A 341 1.13 -6.86 15.10
N MET A 342 1.27 -5.54 15.23
CA MET A 342 1.97 -4.74 14.23
C MET A 342 3.41 -5.21 14.07
N ILE A 343 4.11 -5.43 15.18
CA ILE A 343 5.50 -5.89 15.08
CA ILE A 343 5.50 -5.89 15.08
C ILE A 343 5.55 -7.29 14.48
N ASN A 344 4.67 -8.19 14.93
CA ASN A 344 4.68 -9.53 14.38
C ASN A 344 4.45 -9.52 12.86
N ASN A 345 3.56 -8.67 12.36
CA ASN A 345 3.28 -8.56 10.92
C ASN A 345 4.49 -8.12 10.15
N ASN A 346 5.43 -7.43 10.79
CA ASN A 346 6.59 -6.86 10.15
C ASN A 346 7.86 -7.65 10.41
N LEU A 347 7.74 -8.91 10.80
CA LEU A 347 8.90 -9.80 10.82
C LEU A 347 9.24 -10.17 9.39
N ARG A 348 10.43 -9.80 8.93
CA ARG A 348 10.84 -9.99 7.54
C ARG A 348 12.21 -10.66 7.55
N HIS A 349 12.56 -11.28 6.42
CA HIS A 349 13.82 -12.00 6.34
C HIS A 349 14.99 -11.03 6.47
N THR A 350 15.78 -11.23 7.51
CA THR A 350 16.91 -10.38 7.84
C THR A 350 18.20 -11.03 7.38
N ASP A 351 19.23 -10.20 7.21
CA ASP A 351 20.59 -10.69 7.15
C ASP A 351 21.04 -11.00 8.56
N GLU A 352 22.35 -11.09 8.78
CA GLU A 352 22.89 -11.35 10.12
C GLU A 352 23.07 -10.09 10.94
N MET A 353 22.80 -8.92 10.36
CA MET A 353 23.05 -7.66 11.04
C MET A 353 21.92 -7.24 11.96
N PHE A 354 20.72 -7.79 11.78
CA PHE A 354 19.55 -7.41 12.58
C PHE A 354 18.73 -8.65 12.91
N TRP A 355 18.19 -8.73 14.13
CA TRP A 355 17.25 -9.82 14.39
C TRP A 355 15.97 -9.60 13.59
N ASN A 356 15.54 -8.35 13.46
CA ASN A 356 14.48 -7.92 12.58
C ASN A 356 14.74 -6.45 12.29
N HIS A 357 14.27 -6.00 11.13
N HIS A 357 14.29 -5.98 11.14
CA HIS A 357 14.50 -4.61 10.72
CA HIS A 357 14.59 -4.59 10.81
C HIS A 357 13.74 -3.62 11.56
C HIS A 357 13.65 -3.58 11.47
N VAL A 358 12.59 -4.01 12.14
CA VAL A 358 11.77 -3.10 12.93
C VAL A 358 11.36 -3.74 14.24
N SER A 359 11.40 -2.94 15.30
CA SER A 359 11.10 -3.38 16.64
C SER A 359 10.11 -2.50 17.37
N MET A 360 9.70 -1.38 16.77
CA MET A 360 9.03 -0.30 17.49
C MET A 360 7.71 0.03 16.83
N CYS A 361 6.76 0.41 17.67
CA CYS A 361 5.38 0.70 17.28
C CYS A 361 4.82 1.83 18.11
N ILE A 362 4.09 2.75 17.49
CA ILE A 362 3.25 3.69 18.20
C ILE A 362 1.86 3.68 17.59
N LEU A 363 0.88 4.00 18.43
CA LEU A 363 -0.54 3.88 18.09
C LEU A 363 -1.30 4.91 18.89
N ASN A 364 -1.98 5.83 18.23
CA ASN A 364 -2.76 6.83 18.96
C ASN A 364 -3.93 6.15 19.67
N GLY A 365 -4.10 6.46 20.95
CA GLY A 365 -5.17 5.86 21.71
C GLY A 365 -6.55 6.18 21.19
N GLY A 366 -6.71 7.36 20.56
CA GLY A 366 -7.96 7.70 19.91
C GLY A 366 -8.30 6.82 18.73
N GLY A 367 -7.35 6.03 18.24
CA GLY A 367 -7.60 5.07 17.18
C GLY A 367 -8.19 3.75 17.66
N ILE A 368 -8.26 3.57 18.97
CA ILE A 368 -8.78 2.35 19.59
C ILE A 368 -10.20 2.67 20.03
N ARG A 369 -11.20 2.04 19.43
CA ARG A 369 -12.56 2.55 19.52
C ARG A 369 -13.51 1.68 20.31
N SER A 370 -13.06 0.54 20.85
CA SER A 370 -13.93 -0.32 21.63
C SER A 370 -13.08 -1.26 22.44
N PRO A 371 -13.56 -1.69 23.60
CA PRO A 371 -13.00 -2.89 24.25
C PRO A 371 -13.58 -4.15 23.62
N ILE A 372 -13.04 -5.30 24.01
CA ILE A 372 -13.60 -6.59 23.68
C ILE A 372 -13.73 -7.39 24.97
N ASP A 373 -14.94 -7.82 25.28
N ASP A 373 -14.96 -7.76 25.30
CA ASP A 373 -15.24 -8.53 26.51
CA ASP A 373 -15.27 -8.57 26.46
C ASP A 373 -14.97 -10.02 26.33
C ASP A 373 -14.80 -10.00 26.23
N GLU A 374 -14.23 -10.60 27.28
CA GLU A 374 -13.78 -11.98 27.21
C GLU A 374 -14.84 -12.97 27.65
N ARG A 375 -15.99 -12.52 28.10
CA ARG A 375 -16.97 -13.43 28.70
C ARG A 375 -17.87 -14.13 27.69
N ASN A 376 -17.72 -13.85 26.40
N ASN A 376 -17.71 -13.87 26.40
CA ASN A 376 -18.42 -14.59 25.34
CA ASN A 376 -18.46 -14.62 25.38
C ASN A 376 -17.64 -15.84 24.96
C ASN A 376 -17.64 -15.84 24.96
N ASP A 377 -17.35 -16.67 25.96
CA ASP A 377 -16.48 -17.84 25.79
C ASP A 377 -15.11 -17.47 25.21
N GLY A 378 -14.68 -16.22 25.43
CA GLY A 378 -13.42 -15.75 24.92
C GLY A 378 -13.38 -15.45 23.43
N THR A 379 -14.46 -15.70 22.68
CA THR A 379 -14.41 -15.60 21.24
C THR A 379 -14.12 -14.18 20.79
N ILE A 380 -13.30 -14.07 19.74
CA ILE A 380 -13.08 -12.83 19.01
C ILE A 380 -13.39 -13.11 17.54
N THR A 381 -14.19 -12.24 16.94
CA THR A 381 -14.50 -12.29 15.52
C THR A 381 -14.00 -11.05 14.81
N TRP A 382 -14.00 -11.13 13.48
CA TRP A 382 -13.63 -9.97 12.68
C TRP A 382 -14.52 -8.77 13.02
N GLU A 383 -15.82 -9.01 13.19
CA GLU A 383 -16.73 -7.93 13.53
C GLU A 383 -16.34 -7.25 14.84
N ASN A 384 -15.88 -8.03 15.83
CA ASN A 384 -15.42 -7.41 17.07
C ASN A 384 -14.21 -6.50 16.80
N LEU A 385 -13.26 -6.99 16.00
CA LEU A 385 -12.08 -6.21 15.68
C LEU A 385 -12.44 -4.96 14.89
N ALA A 386 -13.43 -5.05 14.00
CA ALA A 386 -13.87 -3.89 13.23
C ALA A 386 -14.47 -2.80 14.11
N ALA A 387 -15.01 -3.16 15.28
CA ALA A 387 -15.47 -2.16 16.23
C ALA A 387 -14.30 -1.47 16.90
N VAL A 388 -13.21 -2.20 17.14
CA VAL A 388 -12.02 -1.59 17.74
C VAL A 388 -11.33 -0.68 16.75
N LEU A 389 -11.28 -1.09 15.48
CA LEU A 389 -10.48 -0.45 14.43
C LEU A 389 -11.41 -0.21 13.24
N PRO A 390 -12.20 0.86 13.27
CA PRO A 390 -13.27 1.05 12.28
C PRO A 390 -12.90 1.99 11.14
N PHE A 391 -11.68 2.53 11.09
CA PHE A 391 -11.34 3.62 10.18
C PHE A 391 -10.84 3.16 8.81
N GLY A 392 -10.61 1.87 8.60
CA GLY A 392 -10.16 1.38 7.31
C GLY A 392 -8.73 1.69 6.98
N GLY A 393 -7.91 1.90 8.00
CA GLY A 393 -6.53 2.32 7.81
C GLY A 393 -5.57 1.17 7.66
N THR A 394 -4.30 1.53 7.60
CA THR A 394 -3.18 0.60 7.48
C THR A 394 -2.18 0.90 8.58
N PHE A 395 -1.33 -0.07 8.85
CA PHE A 395 -0.23 0.09 9.79
C PHE A 395 1.03 0.14 8.93
N ASP A 396 1.62 1.33 8.84
CA ASP A 396 2.66 1.65 7.89
C ASP A 396 4.02 1.65 8.56
N LEU A 397 5.06 1.54 7.73
CA LEU A 397 6.44 1.62 8.17
C LEU A 397 7.03 2.98 7.80
N VAL A 398 7.59 3.65 8.80
CA VAL A 398 8.27 4.91 8.58
C VAL A 398 9.66 4.87 9.19
N GLN A 399 10.50 5.77 8.72
CA GLN A 399 11.81 6.04 9.32
C GLN A 399 11.74 7.43 9.95
N LEU A 400 12.08 7.50 11.24
CA LEU A 400 12.03 8.74 12.03
C LEU A 400 13.33 8.90 12.81
N LYS A 401 13.88 10.10 12.80
CA LYS A 401 14.96 10.41 13.72
C LYS A 401 14.47 10.34 15.15
N GLY A 402 15.39 10.02 16.06
CA GLY A 402 15.04 10.01 17.47
C GLY A 402 14.47 11.34 17.94
N SER A 403 15.03 12.45 17.45
CA SER A 403 14.51 13.76 17.85
C SER A 403 13.05 13.90 17.46
N THR A 404 12.67 13.39 16.28
CA THR A 404 11.26 13.45 15.86
C THR A 404 10.39 12.60 16.77
N LEU A 405 10.88 11.42 17.14
N LEU A 405 10.85 11.41 17.10
CA LEU A 405 10.11 10.54 18.02
CA LEU A 405 10.11 10.57 18.04
C LEU A 405 9.98 11.14 19.43
C LEU A 405 9.93 11.29 19.38
N LYS A 406 11.02 11.83 19.93
CA LYS A 406 10.89 12.53 21.20
C LYS A 406 9.82 13.62 21.12
N LYS A 407 9.81 14.38 20.02
CA LYS A 407 8.78 15.41 19.85
C LYS A 407 7.40 14.76 19.82
N ALA A 408 7.27 13.59 19.18
CA ALA A 408 5.98 12.92 19.14
C ALA A 408 5.52 12.53 20.54
N PHE A 409 6.42 11.98 21.36
CA PHE A 409 6.04 11.64 22.73
C PHE A 409 5.74 12.87 23.58
N GLU A 410 6.41 14.00 23.36
CA GLU A 410 5.99 15.23 24.03
C GLU A 410 4.58 15.63 23.60
N HIS A 411 4.29 15.51 22.30
CA HIS A 411 2.96 15.83 21.81
C HIS A 411 1.90 14.94 22.42
N SER A 412 2.24 13.66 22.66
CA SER A 412 1.35 12.67 23.24
C SER A 412 0.74 13.12 24.56
N VAL A 413 1.47 13.92 25.33
CA VAL A 413 1.03 14.32 26.66
C VAL A 413 0.99 15.83 26.85
N HIS A 414 1.08 16.63 25.78
CA HIS A 414 1.22 18.07 25.93
C HIS A 414 0.02 18.72 26.58
N ARG A 415 -1.17 18.13 26.46
CA ARG A 415 -2.38 18.61 27.10
C ARG A 415 -3.07 17.46 27.84
N TYR A 416 -2.26 16.60 28.46
CA TYR A 416 -2.77 15.42 29.14
C TYR A 416 -3.88 15.78 30.11
N GLY A 417 -4.88 14.92 30.15
CA GLY A 417 -5.96 15.03 31.10
C GLY A 417 -7.30 15.32 30.49
N GLN A 418 -7.36 15.53 29.18
CA GLN A 418 -8.57 15.94 28.49
C GLN A 418 -9.16 14.81 27.65
N SER A 419 -8.65 13.59 27.77
CA SER A 419 -9.17 12.47 26.97
C SER A 419 -9.06 12.75 25.47
N THR A 420 -7.92 13.27 25.05
CA THR A 420 -7.66 13.51 23.64
C THR A 420 -6.96 12.31 23.02
N GLY A 421 -7.11 12.20 21.70
CA GLY A 421 -6.72 10.97 21.02
C GLY A 421 -5.24 10.77 20.79
N GLU A 422 -4.41 11.80 20.99
CA GLU A 422 -3.01 11.72 20.62
C GLU A 422 -2.16 10.93 21.59
N PHE A 423 -2.68 10.56 22.77
CA PHE A 423 -1.90 9.76 23.71
C PHE A 423 -1.47 8.44 23.05
N LEU A 424 -0.19 8.11 23.13
CA LEU A 424 0.37 6.99 22.38
C LEU A 424 0.46 5.70 23.18
N GLN A 425 -0.09 4.64 22.63
CA GLN A 425 0.22 3.26 23.01
C GLN A 425 1.44 2.83 22.21
N VAL A 426 2.18 1.84 22.75
CA VAL A 426 3.51 1.54 22.25
C VAL A 426 3.83 0.07 22.24
N GLY A 427 4.83 -0.26 21.43
CA GLY A 427 5.54 -1.52 21.48
C GLY A 427 7.00 -1.29 21.18
N GLY A 428 7.88 -2.03 21.86
CA GLY A 428 9.31 -1.86 21.65
C GLY A 428 9.84 -0.54 22.14
N ILE A 429 9.10 0.13 22.99
CA ILE A 429 9.41 1.44 23.53
C ILE A 429 8.98 1.42 24.99
N HIS A 430 9.84 1.94 25.87
CA HIS A 430 9.50 2.17 27.27
C HIS A 430 9.66 3.67 27.52
N VAL A 431 8.58 4.33 27.88
CA VAL A 431 8.58 5.77 28.09
C VAL A 431 8.16 6.06 29.53
N VAL A 432 8.77 7.10 30.09
CA VAL A 432 8.37 7.62 31.39
C VAL A 432 8.10 9.11 31.24
N TYR A 433 6.95 9.53 31.70
CA TYR A 433 6.55 10.93 31.69
C TYR A 433 6.56 11.49 33.10
N ASP A 434 6.85 12.79 33.21
CA ASP A 434 6.68 13.53 34.46
C ASP A 434 5.75 14.68 34.12
N LEU A 435 4.46 14.51 34.46
CA LEU A 435 3.45 15.49 34.06
C LEU A 435 3.53 16.78 34.85
N SER A 436 4.37 16.84 35.88
CA SER A 436 4.57 18.09 36.61
C SER A 436 5.48 19.05 35.85
N ARG A 437 6.18 18.59 34.83
CA ARG A 437 7.03 19.44 34.02
C ARG A 437 6.20 20.20 33.00
N LYS A 438 6.79 21.21 32.41
CA LYS A 438 6.09 22.00 31.41
C LYS A 438 5.77 21.17 30.18
N PRO A 439 4.63 21.44 29.54
CA PRO A 439 4.37 20.82 28.23
C PRO A 439 5.56 21.03 27.31
N GLY A 440 5.92 19.97 26.59
CA GLY A 440 7.12 19.98 25.77
C GLY A 440 8.35 19.46 26.48
N ASP A 441 8.31 19.28 27.79
CA ASP A 441 9.46 18.82 28.55
C ASP A 441 9.07 17.73 29.54
N ARG A 442 8.05 16.95 29.21
CA ARG A 442 7.49 15.95 30.11
C ARG A 442 8.07 14.55 29.92
N VAL A 443 8.78 14.29 28.82
CA VAL A 443 9.39 12.98 28.62
C VAL A 443 10.70 12.95 29.38
N VAL A 444 10.79 12.11 30.39
CA VAL A 444 11.99 12.03 31.22
C VAL A 444 12.82 10.79 30.96
N LYS A 445 12.26 9.76 30.31
CA LYS A 445 13.03 8.58 29.93
C LYS A 445 12.37 8.01 28.68
N LEU A 446 13.17 7.56 27.73
CA LEU A 446 12.66 6.98 26.51
C LEU A 446 13.69 5.97 26.04
N ASP A 447 13.38 4.69 26.20
CA ASP A 447 14.24 3.58 25.82
C ASP A 447 13.54 2.78 24.73
N VAL A 448 14.34 2.22 23.83
CA VAL A 448 13.81 1.55 22.64
C VAL A 448 14.50 0.21 22.48
N LEU A 449 13.79 -0.71 21.87
CA LEU A 449 14.30 -2.04 21.62
C LEU A 449 15.24 -2.04 20.41
N CYS A 450 16.45 -2.53 20.59
CA CYS A 450 17.41 -2.55 19.49
C CYS A 450 16.95 -3.46 18.37
N THR A 451 17.42 -3.16 17.15
CA THR A 451 17.25 -4.03 15.99
C THR A 451 18.57 -4.64 15.52
N SER A 452 19.65 -3.86 15.58
CA SER A 452 20.97 -4.32 15.14
C SER A 452 21.66 -4.94 16.34
N CYS A 453 21.18 -6.12 16.69
CA CYS A 453 21.56 -6.86 17.88
C CYS A 453 21.01 -8.26 17.69
N ARG A 454 21.73 -9.23 18.22
CA ARG A 454 21.28 -10.61 18.18
C ARG A 454 20.35 -10.94 19.34
N VAL A 455 20.50 -10.26 20.45
CA VAL A 455 19.62 -10.38 21.61
C VAL A 455 18.89 -9.06 21.76
N PRO A 456 17.58 -8.99 21.53
CA PRO A 456 16.89 -7.71 21.66
C PRO A 456 16.92 -7.25 23.11
N SER A 457 17.28 -5.99 23.30
CA SER A 457 17.27 -5.35 24.61
C SER A 457 17.05 -3.84 24.43
N TYR A 458 16.75 -3.16 25.52
CA TYR A 458 16.41 -1.75 25.51
C TYR A 458 17.60 -0.87 25.82
N ASP A 459 17.67 0.24 25.11
N ASP A 459 17.70 0.23 25.11
CA ASP A 459 18.72 1.23 25.29
CA ASP A 459 18.71 1.23 25.41
C ASP A 459 18.11 2.62 25.10
C ASP A 459 18.14 2.60 25.11
N PRO A 460 18.76 3.65 25.61
CA PRO A 460 18.19 4.99 25.43
C PRO A 460 18.03 5.37 23.97
N LEU A 461 16.93 6.05 23.68
N LEU A 461 16.93 6.05 23.68
CA LEU A 461 16.76 6.64 22.36
CA LEU A 461 16.75 6.70 22.39
C LEU A 461 17.84 7.69 22.13
C LEU A 461 17.88 7.68 22.15
N LYS A 462 18.39 7.69 20.92
CA LYS A 462 19.43 8.62 20.49
C LYS A 462 18.82 9.61 19.52
N MET A 463 19.06 10.90 19.74
CA MET A 463 18.34 11.92 18.98
C MET A 463 18.72 11.93 17.51
N ASP A 464 19.95 11.59 17.15
N ASP A 464 19.94 11.53 17.15
CA ASP A 464 20.41 11.68 15.77
CA ASP A 464 20.41 11.53 15.77
C ASP A 464 20.32 10.38 15.01
C ASP A 464 20.12 10.22 15.04
N GLU A 465 19.78 9.34 15.62
N GLU A 465 19.90 9.13 15.75
CA GLU A 465 19.69 8.03 14.98
CA GLU A 465 19.67 7.86 15.09
C GLU A 465 18.30 7.81 14.42
C GLU A 465 18.33 7.89 14.37
N VAL A 466 18.25 7.14 13.28
CA VAL A 466 17.01 6.93 12.55
C VAL A 466 16.43 5.58 12.96
N TYR A 467 15.16 5.59 13.33
CA TYR A 467 14.48 4.38 13.78
C TYR A 467 13.35 4.03 12.82
N LYS A 468 13.17 2.75 12.60
CA LYS A 468 11.99 2.26 11.90
C LYS A 468 10.87 2.08 12.91
N VAL A 469 9.68 2.57 12.56
CA VAL A 469 8.54 2.53 13.44
C VAL A 469 7.31 2.14 12.62
N ILE A 470 6.52 1.24 13.15
N ILE A 470 6.46 1.30 13.21
CA ILE A 470 5.21 0.96 12.59
CA ILE A 470 5.19 0.92 12.61
C ILE A 470 4.21 1.87 13.29
C ILE A 470 4.10 1.73 13.31
N LEU A 471 3.27 2.41 12.52
CA LEU A 471 2.27 3.31 13.06
C LEU A 471 1.11 3.44 12.08
N PRO A 472 -0.05 3.91 12.53
CA PRO A 472 -1.18 4.05 11.61
C PRO A 472 -0.87 5.03 10.51
N ASN A 473 -1.44 4.78 9.31
CA ASN A 473 -1.32 5.76 8.24
C ASN A 473 -1.83 7.13 8.68
N PHE A 474 -2.86 7.15 9.54
CA PHE A 474 -3.38 8.41 10.06
C PHE A 474 -2.30 9.25 10.70
N LEU A 475 -1.39 8.63 11.47
CA LEU A 475 -0.30 9.37 12.10
C LEU A 475 0.82 9.68 11.12
N ALA A 476 1.13 8.76 10.21
CA ALA A 476 2.18 9.03 9.24
C ALA A 476 1.84 10.25 8.40
N ASN A 477 0.55 10.52 8.20
CA ASN A 477 0.07 11.67 7.45
C ASN A 477 -0.16 12.90 8.32
N GLY A 478 0.26 12.86 9.59
CA GLY A 478 0.20 14.03 10.43
C GLY A 478 -1.08 14.23 11.19
N GLY A 479 -1.91 13.20 11.29
CA GLY A 479 -3.14 13.29 12.04
C GLY A 479 -2.88 13.50 13.52
N ASP A 480 -3.91 13.96 14.22
CA ASP A 480 -3.85 14.16 15.67
C ASP A 480 -2.77 15.18 16.05
N GLY A 481 -2.44 16.10 15.15
CA GLY A 481 -1.45 17.10 15.46
C GLY A 481 -0.01 16.62 15.38
N PHE A 482 0.23 15.41 14.87
CA PHE A 482 1.61 14.90 14.77
C PHE A 482 2.26 15.40 13.46
N GLN A 483 2.27 16.73 13.31
CA GLN A 483 2.82 17.30 12.09
C GLN A 483 4.31 16.99 11.95
N MET A 484 5.01 16.84 13.08
CA MET A 484 6.43 16.52 13.04
C MET A 484 6.70 15.20 12.36
N ILE A 485 5.78 14.24 12.50
CA ILE A 485 5.98 12.96 11.83
C ILE A 485 5.91 13.14 10.32
N LYS A 486 4.83 13.77 9.85
CA LYS A 486 4.69 14.01 8.42
C LYS A 486 5.86 14.81 7.87
N ASP A 487 6.27 15.86 8.58
CA ASP A 487 7.23 16.81 8.03
C ASP A 487 8.67 16.30 8.11
N GLU A 488 8.98 15.41 9.06
CA GLU A 488 10.36 15.04 9.33
C GLU A 488 10.69 13.60 8.97
N LEU A 489 9.71 12.77 8.64
CA LEU A 489 10.01 11.39 8.33
C LEU A 489 10.93 11.29 7.11
N LEU A 490 11.77 10.25 7.11
N LEU A 490 11.72 10.23 7.09
CA LEU A 490 12.71 10.03 6.03
CA LEU A 490 12.73 10.02 6.05
C LEU A 490 12.17 9.09 4.96
C LEU A 490 12.34 8.93 5.06
N ARG A 491 11.28 8.18 5.34
CA ARG A 491 10.76 7.17 4.44
C ARG A 491 9.38 6.77 4.97
N HIS A 492 8.49 6.39 4.06
N HIS A 492 8.48 6.46 4.04
CA HIS A 492 7.12 6.00 4.42
CA HIS A 492 7.17 5.96 4.39
C HIS A 492 6.61 5.01 3.38
C HIS A 492 6.79 4.91 3.35
N ASP A 493 6.26 3.79 3.82
CA ASP A 493 5.69 2.77 2.95
C ASP A 493 4.38 2.29 3.55
N SER A 494 3.35 2.21 2.74
N SER A 494 3.35 2.21 2.74
CA SER A 494 2.05 1.79 3.21
CA SER A 494 2.04 1.80 3.23
C SER A 494 2.04 0.29 3.55
C SER A 494 2.02 0.31 3.54
N GLY A 495 1.45 -0.03 4.69
CA GLY A 495 1.41 -1.38 5.17
C GLY A 495 0.08 -2.08 5.02
N ASP A 496 -0.12 -3.09 5.84
CA ASP A 496 -1.29 -3.94 5.75
C ASP A 496 -2.50 -3.31 6.45
N GLN A 497 -3.69 -3.79 6.07
CA GLN A 497 -4.91 -3.31 6.69
C GLN A 497 -4.91 -3.55 8.19
N ASP A 498 -5.34 -2.53 8.94
CA ASP A 498 -5.30 -2.57 10.41
C ASP A 498 -6.01 -3.79 10.98
N ILE A 499 -7.26 -4.04 10.59
CA ILE A 499 -8.00 -5.18 11.15
C ILE A 499 -7.28 -6.48 10.81
N ASN A 500 -6.81 -6.60 9.56
N ASN A 500 -6.82 -6.62 9.56
CA ASN A 500 -6.17 -7.82 9.08
CA ASN A 500 -6.20 -7.88 9.16
C ASN A 500 -4.90 -8.12 9.87
C ASN A 500 -4.91 -8.14 9.93
N VAL A 501 -4.14 -7.09 10.23
CA VAL A 501 -2.93 -7.30 11.05
C VAL A 501 -3.28 -7.92 12.39
N VAL A 502 -4.33 -7.43 13.02
CA VAL A 502 -4.71 -7.94 14.33
C VAL A 502 -5.34 -9.32 14.21
N SER A 503 -6.19 -9.51 13.21
CA SER A 503 -6.84 -10.81 13.04
CA SER A 503 -6.84 -10.81 13.00
C SER A 503 -5.81 -11.91 12.79
N THR A 504 -4.83 -11.64 11.93
CA THR A 504 -3.80 -12.65 11.67
C THR A 504 -3.04 -13.01 12.95
N TYR A 505 -2.70 -12.01 13.75
CA TYR A 505 -1.96 -12.27 14.98
C TYR A 505 -2.79 -13.12 15.94
N ILE A 506 -4.05 -12.76 16.13
CA ILE A 506 -4.90 -13.53 17.04
C ILE A 506 -5.03 -14.96 16.57
N SER A 507 -5.23 -15.16 15.27
N SER A 507 -5.24 -15.16 15.27
CA SER A 507 -5.36 -16.53 14.77
CA SER A 507 -5.34 -16.50 14.72
C SER A 507 -4.06 -17.32 14.93
C SER A 507 -4.07 -17.29 14.99
N LYS A 508 -2.91 -16.67 14.79
CA LYS A 508 -1.65 -17.35 15.01
C LYS A 508 -1.48 -17.73 16.48
N MET A 509 -1.83 -16.82 17.38
CA MET A 509 -1.61 -17.05 18.80
CA MET A 509 -1.61 -17.05 18.80
C MET A 509 -2.64 -18.01 19.40
N LYS A 510 -3.85 -18.05 18.84
CA LYS A 510 -4.95 -18.91 19.25
C LYS A 510 -5.62 -18.46 20.56
N VAL A 511 -4.83 -18.23 21.59
CA VAL A 511 -5.31 -17.75 22.88
C VAL A 511 -4.41 -16.61 23.30
N ILE A 512 -4.98 -15.42 23.49
CA ILE A 512 -4.21 -14.25 23.86
C ILE A 512 -4.54 -13.84 25.29
N TYR A 513 -3.57 -13.14 25.89
CA TYR A 513 -3.65 -12.70 27.28
C TYR A 513 -2.76 -11.49 27.51
N PRO A 514 -2.92 -10.43 26.72
CA PRO A 514 -2.03 -9.27 26.87
C PRO A 514 -2.19 -8.61 28.23
N ALA A 515 -1.07 -8.21 28.80
CA ALA A 515 -0.98 -7.54 30.09
C ALA A 515 -0.58 -6.08 29.91
N VAL A 516 -0.85 -5.31 30.94
CA VAL A 516 -0.25 -3.99 31.14
C VAL A 516 1.05 -4.23 31.90
N GLU A 517 2.19 -3.83 31.34
CA GLU A 517 3.45 -4.33 31.82
C GLU A 517 4.50 -3.27 32.11
N GLY A 518 4.17 -2.00 32.04
CA GLY A 518 5.11 -0.94 32.32
C GLY A 518 5.78 -0.32 31.11
N ARG A 519 5.19 -0.48 29.92
CA ARG A 519 5.69 0.20 28.74
C ARG A 519 5.58 1.71 28.88
N ILE A 520 4.56 2.20 29.58
CA ILE A 520 4.36 3.61 29.83
C ILE A 520 4.22 3.79 31.33
N LYS A 521 5.04 4.68 31.89
CA LYS A 521 5.01 4.97 33.31
C LYS A 521 4.97 6.47 33.52
N PHE A 522 4.46 6.86 34.69
CA PHE A 522 4.43 8.24 35.13
C PHE A 522 5.27 8.37 36.39
N SER A 523 6.11 9.39 36.44
CA SER A 523 6.88 9.69 37.64
C SER A 523 5.93 10.25 38.68
ZN ZN B . 3.31 -0.65 -2.89
ZN ZN C . 0.24 0.27 -2.20
CA CA D . 9.60 5.48 -28.63
N1 A1IVB E . -7.49 7.29 14.54
N3 A1IVB E . -8.27 7.54 10.46
C4 A1IVB E . -8.34 8.18 14.04
C5 A1IVB E . -6.97 6.51 13.58
C6 A1IVB E . -8.08 7.46 11.78
C7 A1IVB E . -8.69 8.34 12.70
C8 A1IVB E . -9.77 9.82 13.75
C10 A1IVB E . -10.27 12.76 11.97
C13 A1IVB E . -7.95 10.43 16.58
N A1IVB E . -9.06 9.14 14.71
C A1IVB E . -8.84 11.56 17.08
O A1IVB E . -8.21 12.28 18.13
C1 A1IVB E . -10.03 10.81 17.62
C11 A1IVB E . -10.52 13.12 10.52
C12 A1IVB E . -10.50 14.60 10.26
C2 A1IVB E . -11.29 11.62 17.80
C3 A1IVB E . -8.98 9.37 16.15
C9 A1IVB E . -11.25 11.73 12.48
N2 A1IVB E . -7.22 6.54 12.27
N4 A1IVB E . -9.57 9.38 12.54
O1 A1IVB E . -12.28 10.79 18.41
O2 A1IVB E . -14.19 12.37 18.88
O3 A1IVB E . -12.40 12.10 20.59
O4 A1IVB E . -13.91 10.15 20.09
O5 A1IVB E . -10.24 9.76 16.66
O6 A1IVB E . -7.15 9.89 17.62
P A1IVB E . -13.25 11.40 19.55
S A1IVB E . -10.84 11.12 14.14
H8 A1IVB E . -7.80 6.87 9.84
H9 A1IVB E . -8.87 8.25 10.06
H7 A1IVB E . -6.26 5.77 13.91
H13 A1IVB E . -9.25 12.39 12.08
H12 A1IVB E . -10.30 13.66 12.59
H3 A1IVB E . -7.26 10.74 15.80
H A1IVB E . -9.11 12.23 16.27
H4 A1IVB E . -8.75 12.14 18.94
H1 A1IVB E . -9.82 10.32 18.58
H14 A1IVB E . -11.48 12.72 10.21
H15 A1IVB E . -9.80 12.63 9.88
H16 A1IVB E . -11.28 15.13 10.80
H17 A1IVB E . -10.63 14.84 9.20
H18 A1IVB E . -9.55 15.06 10.56
H5 A1IVB E . -11.15 12.49 18.45
H6 A1IVB E . -11.69 12.00 16.86
H2 A1IVB E . -8.80 8.39 16.60
H10 A1IVB E . -11.30 10.88 11.81
H11 A1IVB E . -12.26 12.14 12.51
H19 A1IVB E . -7.29 8.90 17.64
OH2 1PE F . -14.31 -2.49 -21.00
C12 1PE F . -14.95 -3.21 -19.94
C22 1PE F . -14.61 -4.68 -20.01
OH3 1PE F . -15.00 -5.25 -21.25
C13 1PE F . -16.61 -6.38 -22.56
C23 1PE F . -16.36 -5.51 -21.36
OH4 1PE F . -16.03 -5.77 -23.70
C14 1PE F . -15.41 -6.05 -25.99
C24 1PE F . -16.39 -6.39 -24.91
OH5 1PE F . -14.27 -6.88 -25.87
C15 1PE F . -12.29 -7.73 -26.96
C25 1PE F . -13.35 -6.65 -26.92
HO2 1PE F . -14.53 -1.68 -20.93
H121 1PE F . -15.90 -3.11 -19.99
H122 1PE F . -14.67 -2.87 -19.08
H221 1PE F . -15.05 -5.12 -19.27
H222 1PE F . -13.66 -4.78 -19.87
H131 1PE F . -17.57 -6.51 -22.67
H132 1PE F . -16.22 -7.26 -22.40
H231 1PE F . -16.86 -4.69 -21.44
H232 1PE F . -16.70 -5.95 -20.56
H141 1PE F . -15.18 -5.11 -25.91
H142 1PE F . -15.84 -6.16 -26.84
H241 1PE F . -17.29 -6.11 -25.18
H242 1PE F . -16.43 -7.35 -24.78
H151 1PE F . -12.73 -8.57 -27.18
H152 1PE F . -11.90 -7.85 -26.09
H251 1PE F . -12.92 -5.79 -26.80
H252 1PE F . -13.82 -6.62 -27.77
C1 PGE G . -21.05 -9.84 18.04
O1 PGE G . -19.98 -10.39 18.76
C2 PGE G . -20.58 -8.71 17.16
O2 PGE G . -20.15 -7.63 17.96
C3 PGE G . -19.61 -6.58 17.19
C4 PGE G . -19.18 -5.46 18.11
O4 PGE G . -16.34 -6.69 20.84
C6 PGE G . -16.40 -5.33 20.45
C5 PGE G . -17.75 -4.98 19.91
O3 PGE G . -18.07 -5.87 18.87
H1 PGE G . -21.74 -9.50 18.64
H12 PGE G . -21.48 -10.51 17.48
HO1 PGE G . -20.27 -11.01 19.25
H2 PGE G . -21.30 -8.44 16.57
H22 PGE G . -19.87 -9.04 16.59
H3 PGE G . -20.27 -6.24 16.56
H32 PGE G . -18.85 -6.88 16.67
H4 PGE G . -19.93 -5.22 18.68
H42 PGE G . -18.98 -4.68 17.58
H6 PGE G . -16.21 -4.75 21.20
H62 PGE G . -15.73 -5.13 19.77
H5 PGE G . -18.41 -5.01 20.61
H52 PGE G . -17.74 -4.07 19.57
#